data_3STV
#
_entry.id   3STV
#
_cell.length_a   48.038
_cell.length_b   92.380
_cell.length_c   60.596
_cell.angle_alpha   90.000
_cell.angle_beta   97.560
_cell.angle_gamma   90.000
#
_symmetry.space_group_name_H-M   'P 1 21 1'
#
loop_
_entity.id
_entity.type
_entity.pdbx_description
1 polymer 'Methylketone synthase 1'
2 non-polymer '(3S)-3-hydroxyoctanoic acid'
3 non-polymer 'BROMIDE ION'
4 water water
#
_entity_poly.entity_id   1
_entity_poly.type   'polypeptide(L)'
_entity_poly.pdbx_seq_one_letter_code
;GSMEKSMSPFVKKHFVLVHTAFHGAWCWYKIVALMRSSGHNVTALDLGASGINPKQALQIPNFSDYLSPLMEFMASLPAN
EKIILVGHALGGLAISKAMETFPEKISVAVFLSGLMPGPNIDATTVCTKAGSAVLGQLDNCVTYENGPTNPPTTLIAGPK
FLATNVYHLSPIEDLALATALVRPLYLYLAEDISKEVVLSSKRYGSVKRVFIVATENDALKKEFLKLMIEKNPPDEVKEI
EGSDHVTMMSKPQQLFTTLLSIANKYK
;
_entity_poly.pdbx_strand_id   A,B
#
# COMPACT_ATOMS: atom_id res chain seq x y z
N PHE A 10 -13.94 15.20 25.75
CA PHE A 10 -12.99 14.35 24.97
C PHE A 10 -12.46 13.18 25.80
N VAL A 11 -12.52 11.99 25.25
CA VAL A 11 -12.02 10.79 25.91
C VAL A 11 -11.22 10.04 24.85
N LYS A 12 -9.94 9.85 25.09
CA LYS A 12 -9.09 9.14 24.14
C LYS A 12 -9.59 7.72 23.94
N LYS A 13 -9.85 7.38 22.68
CA LYS A 13 -10.34 6.05 22.31
C LYS A 13 -9.26 5.29 21.56
N HIS A 14 -9.43 3.97 21.46
CA HIS A 14 -8.50 3.15 20.71
C HIS A 14 -9.28 2.36 19.66
N PHE A 15 -9.15 2.77 18.41
CA PHE A 15 -9.82 2.12 17.30
C PHE A 15 -8.89 1.07 16.69
N VAL A 16 -9.47 -0.07 16.33
CA VAL A 16 -8.73 -1.16 15.69
C VAL A 16 -9.53 -1.45 14.42
N LEU A 17 -8.92 -1.22 13.26
CA LEU A 17 -9.60 -1.40 11.98
C LEU A 17 -9.21 -2.64 11.20
N VAL A 18 -10.22 -3.37 10.72
CA VAL A 18 -10.01 -4.61 9.97
C VAL A 18 -10.62 -4.58 8.57
N HIS A 19 -9.74 -4.59 7.57
CA HIS A 19 -10.08 -4.53 6.16
C HIS A 19 -10.84 -5.77 5.67
N THR A 20 -11.29 -5.71 4.42
CA THR A 20 -11.99 -6.83 3.82
C THR A 20 -11.04 -7.58 2.86
N ALA A 21 -11.58 -8.52 2.09
CA ALA A 21 -10.81 -9.30 1.14
C ALA A 21 -10.03 -8.44 0.16
N PHE A 22 -8.83 -8.91 -0.20
CA PHE A 22 -7.92 -8.24 -1.14
C PHE A 22 -7.25 -6.99 -0.59
N HIS A 23 -7.81 -6.39 0.45
CA HIS A 23 -7.24 -5.17 0.99
C HIS A 23 -6.23 -5.34 2.10
N GLY A 24 -5.99 -4.25 2.82
CA GLY A 24 -5.04 -4.27 3.91
C GLY A 24 -5.24 -3.04 4.75
N ALA A 25 -4.41 -2.89 5.77
CA ALA A 25 -4.48 -1.74 6.66
C ALA A 25 -4.45 -0.41 5.89
N TRP A 26 -3.79 -0.41 4.74
CA TRP A 26 -3.66 0.78 3.89
C TRP A 26 -4.98 1.41 3.45
N CYS A 27 -6.01 0.59 3.24
CA CYS A 27 -7.28 1.13 2.78
C CYS A 27 -7.94 2.11 3.76
N TRP A 28 -7.56 2.04 5.02
CA TRP A 28 -8.14 2.93 6.04
C TRP A 28 -7.36 4.21 6.24
N TYR A 29 -6.35 4.45 5.40
CA TYR A 29 -5.49 5.62 5.56
C TYR A 29 -6.17 6.97 5.83
N LYS A 30 -7.30 7.25 5.19
CA LYS A 30 -7.97 8.51 5.42
C LYS A 30 -8.55 8.54 6.83
N ILE A 31 -9.09 7.40 7.25
CA ILE A 31 -9.70 7.27 8.56
C ILE A 31 -8.65 7.38 9.65
N VAL A 32 -7.54 6.66 9.46
CA VAL A 32 -6.45 6.69 10.42
C VAL A 32 -5.95 8.12 10.62
N ALA A 33 -5.79 8.86 9.52
CA ALA A 33 -5.31 10.23 9.63
C ALA A 33 -6.28 11.08 10.43
N LEU A 34 -7.57 10.90 10.18
CA LEU A 34 -8.61 11.67 10.89
C LEU A 34 -8.67 11.35 12.37
N MET A 35 -8.48 10.09 12.72
CA MET A 35 -8.53 9.69 14.11
C MET A 35 -7.30 10.25 14.84
N ARG A 36 -6.12 10.11 14.22
CA ARG A 36 -4.90 10.59 14.84
C ARG A 36 -4.85 12.10 15.02
N SER A 37 -5.35 12.85 14.04
CA SER A 37 -5.34 14.30 14.16
C SER A 37 -6.36 14.74 15.22
N SER A 38 -7.30 13.87 15.55
CA SER A 38 -8.30 14.18 16.58
C SER A 38 -7.80 13.71 17.94
N GLY A 39 -6.57 13.21 17.99
CA GLY A 39 -6.00 12.76 19.24
C GLY A 39 -6.31 11.36 19.71
N HIS A 40 -6.89 10.53 18.86
CA HIS A 40 -7.20 9.15 19.27
C HIS A 40 -6.17 8.15 18.82
N ASN A 41 -6.13 7.01 19.50
CA ASN A 41 -5.19 5.98 19.11
C ASN A 41 -5.94 5.11 18.12
N VAL A 42 -5.22 4.60 17.13
CA VAL A 42 -5.84 3.76 16.12
C VAL A 42 -4.85 2.75 15.55
N THR A 43 -5.31 1.51 15.42
CA THR A 43 -4.50 0.44 14.89
C THR A 43 -5.20 -0.16 13.67
N ALA A 44 -4.50 -0.16 12.54
CA ALA A 44 -5.06 -0.74 11.31
C ALA A 44 -4.20 -1.96 11.02
N LEU A 45 -4.76 -3.15 11.20
CA LEU A 45 -4.06 -4.41 10.99
C LEU A 45 -4.11 -4.93 9.54
N ASP A 46 -3.09 -5.70 9.17
CA ASP A 46 -3.08 -6.36 7.87
C ASP A 46 -3.36 -7.79 8.28
N LEU A 47 -4.33 -8.43 7.65
CA LEU A 47 -4.61 -9.83 7.96
C LEU A 47 -3.59 -10.64 7.17
N GLY A 48 -3.65 -11.97 7.26
CA GLY A 48 -2.71 -12.80 6.54
C GLY A 48 -2.66 -12.55 5.04
N ALA A 49 -1.45 -12.44 4.50
CA ALA A 49 -1.26 -12.20 3.08
C ALA A 49 -2.01 -10.95 2.61
N SER A 50 -2.11 -9.96 3.49
CA SER A 50 -2.80 -8.70 3.16
C SER A 50 -1.84 -7.54 3.35
N GLY A 51 -1.98 -6.52 2.52
CA GLY A 51 -1.11 -5.37 2.63
C GLY A 51 0.34 -5.82 2.67
N ILE A 52 1.06 -5.46 3.72
CA ILE A 52 2.45 -5.88 3.81
C ILE A 52 2.71 -7.05 4.76
N ASN A 53 1.66 -7.80 5.09
CA ASN A 53 1.84 -8.98 5.93
C ASN A 53 2.79 -9.83 5.07
N PRO A 54 3.82 -10.42 5.68
CA PRO A 54 4.80 -11.25 4.96
C PRO A 54 4.35 -12.53 4.26
N LYS A 55 3.29 -13.15 4.76
CA LYS A 55 2.81 -14.41 4.18
C LYS A 55 2.22 -14.25 2.79
N GLN A 56 2.29 -15.31 2.00
CA GLN A 56 1.70 -15.28 0.66
C GLN A 56 0.40 -16.06 0.77
N ALA A 57 -0.50 -15.88 -0.18
CA ALA A 57 -1.79 -16.58 -0.13
C ALA A 57 -1.65 -18.09 0.03
N LEU A 58 -0.80 -18.73 -0.76
CA LEU A 58 -0.65 -20.18 -0.68
C LEU A 58 -0.04 -20.69 0.61
N GLN A 59 0.50 -19.79 1.43
CA GLN A 59 1.12 -20.18 2.69
C GLN A 59 0.15 -20.14 3.87
N ILE A 60 -1.06 -19.65 3.65
CA ILE A 60 -2.03 -19.60 4.72
C ILE A 60 -3.39 -20.19 4.27
N PRO A 61 -3.41 -21.50 3.98
CA PRO A 61 -4.61 -22.22 3.53
C PRO A 61 -5.70 -22.42 4.60
N ASN A 62 -5.33 -22.21 5.86
CA ASN A 62 -6.26 -22.36 6.97
C ASN A 62 -6.75 -20.97 7.42
N PHE A 63 -8.06 -20.84 7.61
CA PHE A 63 -8.63 -19.56 7.99
C PHE A 63 -7.96 -18.97 9.21
N SER A 64 -7.59 -19.81 10.16
CA SER A 64 -6.94 -19.32 11.37
C SER A 64 -5.66 -18.56 10.99
N ASP A 65 -4.99 -18.99 9.92
CA ASP A 65 -3.77 -18.31 9.48
C ASP A 65 -4.05 -16.90 9.01
N TYR A 66 -5.20 -16.72 8.36
CA TYR A 66 -5.62 -15.42 7.86
C TYR A 66 -5.95 -14.49 9.04
N LEU A 67 -6.63 -15.05 10.05
CA LEU A 67 -7.04 -14.26 11.22
C LEU A 67 -5.95 -14.06 12.26
N SER A 68 -4.84 -14.78 12.10
CA SER A 68 -3.72 -14.73 13.05
C SER A 68 -3.30 -13.34 13.51
N PRO A 69 -3.09 -12.42 12.56
CA PRO A 69 -2.67 -11.04 12.90
C PRO A 69 -3.61 -10.34 13.88
N LEU A 70 -4.91 -10.45 13.67
CA LEU A 70 -5.84 -9.79 14.59
C LEU A 70 -5.85 -10.49 15.94
N MET A 71 -5.86 -11.82 15.92
CA MET A 71 -5.89 -12.56 17.17
C MET A 71 -4.68 -12.27 18.04
N GLU A 72 -3.50 -12.23 17.43
CA GLU A 72 -2.27 -11.94 18.18
C GLU A 72 -2.30 -10.53 18.75
N PHE A 73 -2.80 -9.58 17.98
CA PHE A 73 -2.89 -8.20 18.45
C PHE A 73 -3.84 -8.13 19.65
N MET A 74 -4.97 -8.80 19.54
CA MET A 74 -5.97 -8.81 20.61
C MET A 74 -5.40 -9.33 21.90
N ALA A 75 -4.56 -10.36 21.80
CA ALA A 75 -3.93 -10.97 22.96
C ALA A 75 -2.92 -10.06 23.63
N SER A 76 -2.32 -9.14 22.89
CA SER A 76 -1.31 -8.25 23.47
C SER A 76 -1.88 -6.96 24.03
N LEU A 77 -3.18 -6.74 23.85
CA LEU A 77 -3.78 -5.53 24.39
C LEU A 77 -3.62 -5.49 25.92
N PRO A 78 -3.18 -4.33 26.45
CA PRO A 78 -2.98 -4.16 27.90
C PRO A 78 -4.22 -4.51 28.73
N ALA A 79 -4.03 -4.51 30.05
CA ALA A 79 -5.08 -4.87 31.01
C ALA A 79 -6.39 -4.08 30.96
N ASN A 80 -6.34 -2.83 31.39
CA ASN A 80 -7.52 -1.98 31.43
C ASN A 80 -8.10 -1.63 30.06
N GLU A 81 -7.22 -1.36 29.10
CA GLU A 81 -7.63 -0.97 27.76
C GLU A 81 -8.70 -1.79 27.03
N LYS A 82 -9.66 -1.07 26.46
CA LYS A 82 -10.73 -1.66 25.66
C LYS A 82 -10.75 -0.86 24.35
N ILE A 83 -11.15 -1.52 23.28
CA ILE A 83 -11.14 -0.88 21.96
C ILE A 83 -12.48 -0.82 21.24
N ILE A 84 -12.48 -0.11 20.12
CA ILE A 84 -13.65 -0.02 19.25
C ILE A 84 -13.20 -0.87 18.06
N LEU A 85 -13.68 -2.10 17.97
CA LEU A 85 -13.29 -3.01 16.89
C LEU A 85 -14.18 -2.83 15.66
N VAL A 86 -13.57 -2.37 14.57
CA VAL A 86 -14.34 -2.14 13.34
C VAL A 86 -13.98 -3.11 12.21
N GLY A 87 -14.98 -3.88 11.78
CA GLY A 87 -14.77 -4.84 10.71
C GLY A 87 -15.52 -4.47 9.44
N HIS A 88 -14.81 -4.46 8.31
CA HIS A 88 -15.42 -4.12 7.02
C HIS A 88 -15.71 -5.35 6.17
N ALA A 89 -16.96 -5.49 5.73
CA ALA A 89 -17.39 -6.60 4.88
C ALA A 89 -16.87 -7.96 5.34
N LEU A 90 -15.97 -8.56 4.57
CA LEU A 90 -15.42 -9.86 4.94
C LEU A 90 -14.75 -9.80 6.31
N GLY A 91 -14.31 -8.60 6.68
CA GLY A 91 -13.66 -8.42 7.96
C GLY A 91 -14.58 -8.72 9.14
N GLY A 92 -15.88 -8.78 8.87
CA GLY A 92 -16.80 -9.06 9.95
C GLY A 92 -16.53 -10.43 10.56
N LEU A 93 -16.05 -11.35 9.73
CA LEU A 93 -15.76 -12.70 10.21
C LEU A 93 -14.62 -12.62 11.20
N ALA A 94 -13.61 -11.83 10.87
CA ALA A 94 -12.47 -11.67 11.75
C ALA A 94 -12.86 -11.09 13.10
N ILE A 95 -13.52 -9.93 13.11
CA ILE A 95 -13.90 -9.32 14.39
C ILE A 95 -14.87 -10.19 15.18
N SER A 96 -15.62 -11.02 14.48
CA SER A 96 -16.57 -11.92 15.13
C SER A 96 -15.77 -12.92 15.98
N LYS A 97 -14.69 -13.42 15.42
CA LYS A 97 -13.84 -14.38 16.12
C LYS A 97 -13.20 -13.69 17.32
N ALA A 98 -12.81 -12.44 17.14
CA ALA A 98 -12.21 -11.68 18.22
C ALA A 98 -13.21 -11.47 19.35
N MET A 99 -14.43 -11.06 19.01
CA MET A 99 -15.45 -10.83 20.03
C MET A 99 -15.63 -12.06 20.91
N GLU A 100 -15.68 -13.23 20.28
CA GLU A 100 -15.85 -14.48 21.00
C GLU A 100 -14.64 -14.81 21.86
N THR A 101 -13.45 -14.48 21.39
CA THR A 101 -12.25 -14.78 22.14
C THR A 101 -11.86 -13.77 23.21
N PHE A 102 -12.02 -12.49 22.92
CA PHE A 102 -11.66 -11.44 23.88
C PHE A 102 -12.83 -10.46 24.03
N PRO A 103 -13.97 -10.95 24.51
CA PRO A 103 -15.16 -10.12 24.71
C PRO A 103 -14.95 -8.96 25.68
N GLU A 104 -14.27 -9.24 26.79
CA GLU A 104 -14.02 -8.23 27.81
C GLU A 104 -13.13 -7.10 27.31
N LYS A 105 -12.32 -7.36 26.28
CA LYS A 105 -11.42 -6.34 25.75
C LYS A 105 -12.09 -5.43 24.71
N ILE A 106 -13.32 -5.75 24.32
CA ILE A 106 -14.02 -4.97 23.31
C ILE A 106 -15.15 -4.09 23.85
N SER A 107 -14.97 -2.78 23.73
CA SER A 107 -15.99 -1.84 24.19
C SER A 107 -17.21 -1.95 23.28
N VAL A 108 -16.97 -1.86 21.97
CA VAL A 108 -18.06 -1.96 21.02
C VAL A 108 -17.54 -2.46 19.68
N ALA A 109 -18.29 -3.35 19.05
CA ALA A 109 -17.93 -3.92 17.77
C ALA A 109 -18.78 -3.28 16.68
N VAL A 110 -18.13 -2.85 15.61
CA VAL A 110 -18.82 -2.20 14.50
C VAL A 110 -18.66 -2.99 13.20
N PHE A 111 -19.79 -3.42 12.64
CA PHE A 111 -19.77 -4.16 11.38
C PHE A 111 -20.15 -3.23 10.22
N LEU A 112 -19.14 -2.64 9.59
CA LEU A 112 -19.34 -1.74 8.45
C LEU A 112 -19.65 -2.61 7.23
N SER A 113 -20.94 -2.85 6.99
CA SER A 113 -21.37 -3.71 5.87
C SER A 113 -20.66 -5.05 5.99
N GLY A 114 -20.39 -5.48 7.22
CA GLY A 114 -19.67 -6.72 7.43
C GLY A 114 -20.47 -8.00 7.55
N LEU A 115 -19.86 -9.10 7.14
CA LEU A 115 -20.52 -10.39 7.25
C LEU A 115 -20.70 -10.54 8.75
N MET A 116 -21.95 -10.63 9.18
CA MET A 116 -22.24 -10.71 10.60
C MET A 116 -22.95 -11.99 10.99
N PRO A 117 -22.27 -13.13 10.84
CA PRO A 117 -22.89 -14.41 11.18
C PRO A 117 -23.23 -14.55 12.66
N GLY A 118 -24.17 -15.44 12.94
CA GLY A 118 -24.59 -15.70 14.31
C GLY A 118 -25.26 -17.05 14.34
N PRO A 119 -25.85 -17.45 15.47
CA PRO A 119 -26.52 -18.74 15.58
C PRO A 119 -27.57 -19.01 14.50
N ASN A 120 -28.39 -18.00 14.18
CA ASN A 120 -29.44 -18.16 13.18
C ASN A 120 -29.01 -17.99 11.73
N ILE A 121 -27.76 -17.60 11.52
CA ILE A 121 -27.24 -17.43 10.17
C ILE A 121 -25.75 -17.70 10.18
N ASP A 122 -25.38 -18.92 9.80
CA ASP A 122 -24.00 -19.37 9.78
C ASP A 122 -23.10 -18.75 8.72
N ALA A 123 -21.80 -18.91 8.94
CA ALA A 123 -20.77 -18.38 8.04
C ALA A 123 -20.94 -18.87 6.61
N THR A 124 -21.48 -20.07 6.47
CA THR A 124 -21.70 -20.66 5.15
C THR A 124 -22.69 -19.84 4.34
N THR A 125 -23.73 -19.33 5.02
CA THR A 125 -24.75 -18.52 4.36
C THR A 125 -24.21 -17.16 3.99
N VAL A 126 -23.52 -16.52 4.93
CA VAL A 126 -22.98 -15.19 4.72
C VAL A 126 -21.86 -15.17 3.67
N CYS A 127 -20.97 -16.17 3.73
CA CYS A 127 -19.85 -16.25 2.81
C CYS A 127 -20.26 -16.67 1.41
N THR A 128 -21.19 -17.62 1.31
CA THR A 128 -21.65 -18.08 0.01
C THR A 128 -22.25 -16.92 -0.77
N LYS A 129 -23.07 -16.12 -0.08
CA LYS A 129 -23.71 -14.99 -0.71
C LYS A 129 -22.73 -13.85 -0.96
N ALA A 130 -21.84 -13.61 -0.01
CA ALA A 130 -20.86 -12.55 -0.17
C ALA A 130 -19.98 -12.85 -1.38
N GLY A 131 -19.45 -14.06 -1.45
CA GLY A 131 -18.60 -14.42 -2.57
C GLY A 131 -19.37 -14.47 -3.88
N SER A 132 -20.68 -14.55 -3.75
CA SER A 132 -21.57 -14.62 -4.90
C SER A 132 -21.39 -13.43 -5.84
N ALA A 133 -21.22 -12.24 -5.26
CA ALA A 133 -21.07 -11.02 -6.05
C ALA A 133 -19.62 -10.67 -6.40
N VAL A 134 -18.71 -11.62 -6.21
CA VAL A 134 -17.30 -11.37 -6.52
C VAL A 134 -16.79 -12.40 -7.51
N LEU A 135 -16.92 -13.68 -7.16
CA LEU A 135 -16.47 -14.77 -8.03
C LEU A 135 -17.05 -14.65 -9.43
N GLY A 136 -16.21 -14.91 -10.43
CA GLY A 136 -16.65 -14.85 -11.80
C GLY A 136 -17.22 -13.51 -12.22
N GLN A 137 -16.77 -12.44 -11.58
CA GLN A 137 -17.25 -11.12 -11.91
C GLN A 137 -16.22 -10.36 -12.75
N LEU A 138 -16.67 -9.85 -13.89
CA LEU A 138 -15.82 -9.09 -14.83
C LEU A 138 -14.46 -9.72 -15.09
N ASP A 139 -13.40 -9.02 -14.69
CA ASP A 139 -12.04 -9.50 -14.89
C ASP A 139 -11.41 -10.22 -13.70
N ASN A 140 -12.22 -10.70 -12.76
CA ASN A 140 -11.67 -11.43 -11.62
C ASN A 140 -11.27 -12.81 -12.12
N CYS A 141 -10.36 -13.47 -11.44
CA CYS A 141 -9.94 -14.80 -11.85
C CYS A 141 -9.39 -15.61 -10.68
N VAL A 142 -9.47 -16.94 -10.80
CA VAL A 142 -9.02 -17.82 -9.74
C VAL A 142 -7.91 -18.78 -10.16
N THR A 143 -7.26 -19.39 -9.17
CA THR A 143 -6.19 -20.35 -9.44
C THR A 143 -6.65 -21.72 -8.98
N TYR A 144 -6.02 -22.76 -9.49
CA TYR A 144 -6.34 -24.13 -9.14
C TYR A 144 -5.13 -24.93 -8.66
N GLU A 145 -4.81 -24.78 -7.37
CA GLU A 145 -3.67 -25.47 -6.77
C GLU A 145 -3.93 -26.94 -6.45
N ASN A 146 -5.21 -27.29 -6.29
CA ASN A 146 -5.60 -28.67 -6.01
C ASN A 146 -6.07 -29.35 -7.30
N GLY A 147 -5.52 -28.92 -8.43
CA GLY A 147 -5.91 -29.50 -9.71
C GLY A 147 -7.09 -28.76 -10.32
N PRO A 148 -7.13 -28.61 -11.65
CA PRO A 148 -8.23 -27.90 -12.31
C PRO A 148 -9.56 -28.61 -12.15
N THR A 149 -9.51 -29.77 -11.49
CA THR A 149 -10.70 -30.57 -11.27
C THR A 149 -11.33 -30.32 -9.89
N ASN A 150 -10.61 -29.60 -9.04
CA ASN A 150 -11.10 -29.27 -7.70
C ASN A 150 -11.40 -27.77 -7.60
N PRO A 151 -12.17 -27.37 -6.58
CA PRO A 151 -12.53 -25.96 -6.39
C PRO A 151 -11.33 -25.02 -6.48
N PRO A 152 -11.57 -23.76 -6.89
CA PRO A 152 -10.51 -22.76 -7.00
C PRO A 152 -9.72 -22.61 -5.70
N THR A 153 -8.45 -22.26 -5.84
CA THR A 153 -7.55 -22.09 -4.69
C THR A 153 -7.50 -20.65 -4.19
N THR A 154 -7.31 -19.69 -5.09
CA THR A 154 -7.25 -18.29 -4.70
C THR A 154 -8.12 -17.47 -5.61
N LEU A 155 -8.50 -16.29 -5.15
CA LEU A 155 -9.34 -15.36 -5.91
C LEU A 155 -8.57 -14.05 -6.05
N ILE A 156 -8.41 -13.59 -7.28
CA ILE A 156 -7.68 -12.36 -7.55
C ILE A 156 -8.65 -11.34 -8.15
N ALA A 157 -8.70 -10.15 -7.55
CA ALA A 157 -9.57 -9.07 -7.98
C ALA A 157 -8.98 -8.32 -9.16
N GLY A 158 -9.79 -8.11 -10.20
CA GLY A 158 -9.32 -7.41 -11.38
C GLY A 158 -9.46 -5.89 -11.34
N PRO A 159 -8.74 -5.17 -12.23
CA PRO A 159 -8.81 -3.71 -12.27
C PRO A 159 -10.21 -3.22 -12.64
N LYS A 160 -10.84 -3.89 -13.60
CA LYS A 160 -12.19 -3.52 -14.03
C LYS A 160 -13.20 -3.74 -12.91
N PHE A 161 -13.12 -4.91 -12.28
CA PHE A 161 -14.01 -5.23 -11.19
C PHE A 161 -13.92 -4.13 -10.12
N LEU A 162 -12.70 -3.79 -9.71
CA LEU A 162 -12.50 -2.75 -8.70
C LEU A 162 -13.11 -1.41 -9.13
N ALA A 163 -12.82 -0.99 -10.35
CA ALA A 163 -13.32 0.27 -10.85
C ALA A 163 -14.84 0.34 -10.94
N THR A 164 -15.46 -0.70 -11.49
CA THR A 164 -16.90 -0.68 -11.65
C THR A 164 -17.73 -1.15 -10.46
N ASN A 165 -17.21 -2.09 -9.67
CA ASN A 165 -17.96 -2.64 -8.52
C ASN A 165 -17.51 -2.21 -7.13
N VAL A 166 -16.24 -1.87 -6.97
CA VAL A 166 -15.72 -1.52 -5.65
C VAL A 166 -15.50 -0.03 -5.39
N TYR A 167 -14.66 0.59 -6.21
CA TYR A 167 -14.34 2.02 -6.07
C TYR A 167 -15.15 2.95 -6.97
N HIS A 168 -16.29 2.51 -7.49
CA HIS A 168 -17.07 3.36 -8.39
C HIS A 168 -17.50 4.76 -7.91
N LEU A 169 -17.49 5.01 -6.61
CA LEU A 169 -17.84 6.33 -6.07
C LEU A 169 -16.69 6.93 -5.28
N SER A 170 -15.47 6.48 -5.57
CA SER A 170 -14.28 6.97 -4.85
C SER A 170 -13.36 7.76 -5.77
N PRO A 171 -12.49 8.62 -5.19
CA PRO A 171 -11.58 9.42 -6.02
C PRO A 171 -10.76 8.49 -6.90
N ILE A 172 -10.52 8.91 -8.14
CA ILE A 172 -9.78 8.09 -9.08
C ILE A 172 -8.41 7.64 -8.57
N GLU A 173 -7.73 8.48 -7.79
CA GLU A 173 -6.41 8.08 -7.28
C GLU A 173 -6.51 6.92 -6.31
N ASP A 174 -7.64 6.81 -5.62
CA ASP A 174 -7.82 5.69 -4.69
C ASP A 174 -7.97 4.39 -5.48
N LEU A 175 -8.59 4.46 -6.66
CA LEU A 175 -8.74 3.25 -7.48
C LEU A 175 -7.33 2.84 -7.87
N ALA A 176 -6.51 3.84 -8.22
CA ALA A 176 -5.12 3.63 -8.61
C ALA A 176 -4.28 3.07 -7.45
N LEU A 177 -4.57 3.54 -6.24
CA LEU A 177 -3.87 3.08 -5.05
C LEU A 177 -4.17 1.60 -4.85
N ALA A 178 -5.46 1.28 -4.90
CA ALA A 178 -5.95 -0.07 -4.70
C ALA A 178 -5.46 -1.03 -5.79
N THR A 179 -5.42 -0.54 -7.03
CA THR A 179 -4.96 -1.36 -8.15
C THR A 179 -3.51 -1.81 -7.91
N ALA A 180 -2.73 -0.99 -7.23
CA ALA A 180 -1.33 -1.32 -6.96
C ALA A 180 -1.12 -2.07 -5.65
N LEU A 181 -2.19 -2.28 -4.88
CA LEU A 181 -2.04 -2.96 -3.59
C LEU A 181 -2.87 -4.21 -3.31
N VAL A 182 -4.00 -4.38 -4.00
CA VAL A 182 -4.83 -5.56 -3.76
C VAL A 182 -4.04 -6.85 -3.95
N ARG A 183 -4.25 -7.80 -3.06
CA ARG A 183 -3.56 -9.08 -3.10
C ARG A 183 -4.57 -10.23 -3.13
N PRO A 184 -4.19 -11.40 -3.69
CA PRO A 184 -5.09 -12.55 -3.77
C PRO A 184 -5.66 -13.01 -2.44
N LEU A 185 -6.87 -13.56 -2.50
CA LEU A 185 -7.55 -14.08 -1.33
C LEU A 185 -7.61 -15.61 -1.45
N TYR A 186 -7.16 -16.32 -0.42
CA TYR A 186 -7.22 -17.77 -0.47
C TYR A 186 -8.69 -18.12 -0.30
N LEU A 187 -9.21 -19.03 -1.12
CA LEU A 187 -10.61 -19.41 -1.02
C LEU A 187 -10.89 -20.44 0.07
N TYR A 188 -10.89 -19.99 1.32
CA TYR A 188 -11.13 -20.86 2.46
C TYR A 188 -12.47 -21.59 2.35
N LEU A 189 -12.51 -22.82 2.84
CA LEU A 189 -13.74 -23.62 2.79
C LEU A 189 -14.71 -23.12 3.85
N ALA A 190 -15.94 -22.87 3.45
CA ALA A 190 -16.97 -22.37 4.36
C ALA A 190 -17.10 -23.25 5.60
N GLU A 191 -16.68 -24.51 5.47
CA GLU A 191 -16.73 -25.45 6.58
C GLU A 191 -15.59 -25.12 7.54
N ASP A 192 -14.39 -24.93 6.98
CA ASP A 192 -13.21 -24.57 7.75
C ASP A 192 -13.57 -23.31 8.54
N ILE A 193 -14.20 -22.37 7.84
CA ILE A 193 -14.61 -21.10 8.43
C ILE A 193 -15.58 -21.29 9.61
N SER A 194 -16.62 -22.10 9.42
CA SER A 194 -17.59 -22.34 10.47
C SER A 194 -16.97 -23.02 11.70
N LYS A 195 -15.95 -23.84 11.48
CA LYS A 195 -15.29 -24.51 12.60
C LYS A 195 -14.43 -23.51 13.34
N GLU A 196 -13.92 -22.52 12.61
CA GLU A 196 -13.06 -21.50 13.19
C GLU A 196 -13.86 -20.41 13.89
N VAL A 197 -14.96 -19.99 13.29
CA VAL A 197 -15.79 -18.94 13.87
C VAL A 197 -17.03 -19.52 14.55
N VAL A 198 -16.89 -19.83 15.84
CA VAL A 198 -17.96 -20.38 16.65
C VAL A 198 -18.34 -19.32 17.68
N LEU A 199 -19.58 -18.87 17.62
CA LEU A 199 -20.04 -17.82 18.53
C LEU A 199 -21.05 -18.30 19.59
N SER A 200 -20.92 -17.76 20.80
CA SER A 200 -21.82 -18.09 21.91
C SER A 200 -22.40 -16.80 22.49
N SER A 201 -23.61 -16.89 23.05
CA SER A 201 -24.25 -15.71 23.61
C SER A 201 -23.51 -15.11 24.80
N LYS A 202 -22.94 -15.98 25.62
CA LYS A 202 -22.22 -15.53 26.81
C LYS A 202 -20.97 -14.70 26.51
N ARG A 203 -20.38 -14.90 25.34
CA ARG A 203 -19.17 -14.15 25.00
C ARG A 203 -19.45 -13.22 23.82
N TYR A 204 -19.43 -13.76 22.61
CA TYR A 204 -19.70 -12.95 21.43
C TYR A 204 -20.92 -12.10 21.71
N GLY A 205 -22.01 -12.77 22.09
CA GLY A 205 -23.25 -12.08 22.37
C GLY A 205 -23.18 -11.01 23.44
N SER A 206 -22.13 -11.02 24.24
CA SER A 206 -21.98 -10.04 25.33
C SER A 206 -21.40 -8.70 24.88
N VAL A 207 -20.83 -8.66 23.69
CA VAL A 207 -20.22 -7.44 23.20
C VAL A 207 -21.22 -6.54 22.50
N LYS A 208 -21.18 -5.25 22.83
CA LYS A 208 -22.07 -4.29 22.20
C LYS A 208 -21.76 -4.35 20.70
N ARG A 209 -22.80 -4.48 19.90
CA ARG A 209 -22.65 -4.61 18.46
C ARG A 209 -23.44 -3.55 17.69
N VAL A 210 -22.77 -2.90 16.75
CA VAL A 210 -23.40 -1.88 15.92
C VAL A 210 -23.16 -2.17 14.43
N PHE A 211 -24.24 -2.15 13.66
CA PHE A 211 -24.13 -2.41 12.24
C PHE A 211 -24.36 -1.14 11.44
N ILE A 212 -23.51 -0.92 10.44
CA ILE A 212 -23.60 0.27 9.60
C ILE A 212 -23.95 -0.12 8.18
N VAL A 213 -25.09 0.34 7.69
CA VAL A 213 -25.50 0.03 6.33
C VAL A 213 -24.92 1.12 5.44
N ALA A 214 -24.08 0.71 4.51
CA ALA A 214 -23.44 1.62 3.59
C ALA A 214 -23.41 0.97 2.23
N THR A 215 -24.58 0.82 1.63
CA THR A 215 -24.71 0.20 0.32
C THR A 215 -25.39 1.22 -0.58
N GLU A 216 -25.08 1.17 -1.88
CA GLU A 216 -25.67 2.12 -2.81
C GLU A 216 -26.16 1.47 -4.10
N ASN A 217 -27.39 1.83 -4.47
CA ASN A 217 -28.04 1.35 -5.69
C ASN A 217 -27.91 -0.15 -5.96
N ASP A 218 -28.25 -0.96 -4.95
CA ASP A 218 -28.17 -2.41 -5.08
C ASP A 218 -29.11 -3.04 -4.06
N ALA A 219 -30.36 -3.21 -4.47
CA ALA A 219 -31.39 -3.79 -3.61
C ALA A 219 -31.01 -5.16 -3.05
N LEU A 220 -30.72 -6.10 -3.95
CA LEU A 220 -30.35 -7.46 -3.55
C LEU A 220 -29.29 -7.46 -2.45
N LYS A 221 -28.26 -6.64 -2.63
CA LYS A 221 -27.18 -6.54 -1.66
C LYS A 221 -27.74 -6.05 -0.33
N LYS A 222 -28.60 -5.03 -0.39
CA LYS A 222 -29.20 -4.48 0.81
C LYS A 222 -30.13 -5.51 1.45
N GLU A 223 -30.78 -6.33 0.62
CA GLU A 223 -31.67 -7.36 1.14
C GLU A 223 -30.84 -8.37 1.93
N PHE A 224 -29.62 -8.58 1.47
CA PHE A 224 -28.69 -9.51 2.12
C PHE A 224 -28.34 -8.93 3.49
N LEU A 225 -27.95 -7.66 3.51
CA LEU A 225 -27.61 -7.01 4.77
C LEU A 225 -28.81 -7.07 5.70
N LYS A 226 -29.99 -6.76 5.15
CA LYS A 226 -31.22 -6.77 5.92
C LYS A 226 -31.47 -8.16 6.50
N LEU A 227 -31.22 -9.18 5.69
CA LEU A 227 -31.41 -10.56 6.13
C LEU A 227 -30.52 -10.89 7.34
N MET A 228 -29.24 -10.55 7.26
CA MET A 228 -28.30 -10.80 8.35
C MET A 228 -28.75 -10.09 9.63
N ILE A 229 -29.14 -8.82 9.48
CA ILE A 229 -29.59 -8.03 10.62
C ILE A 229 -30.77 -8.69 11.32
N GLU A 230 -31.67 -9.27 10.53
CA GLU A 230 -32.84 -9.96 11.05
C GLU A 230 -32.45 -11.19 11.86
N LYS A 231 -31.70 -12.08 11.22
CA LYS A 231 -31.25 -13.33 11.82
C LYS A 231 -30.34 -13.15 13.03
N ASN A 232 -29.53 -12.12 13.02
CA ASN A 232 -28.61 -11.90 14.11
C ASN A 232 -28.60 -10.44 14.57
N PRO A 233 -29.68 -10.02 15.21
CA PRO A 233 -29.94 -8.64 15.64
C PRO A 233 -28.84 -7.94 16.44
N PRO A 234 -28.29 -6.91 15.85
CA PRO A 234 -27.29 -6.09 16.49
C PRO A 234 -27.89 -5.14 17.52
N ASP A 235 -27.08 -4.48 18.32
CA ASP A 235 -27.60 -3.55 19.32
C ASP A 235 -28.12 -2.29 18.64
N GLU A 236 -27.57 -1.98 17.48
CA GLU A 236 -27.98 -0.79 16.76
C GLU A 236 -27.61 -0.85 15.29
N VAL A 237 -28.40 -0.19 14.47
CA VAL A 237 -28.16 -0.14 13.05
C VAL A 237 -28.10 1.32 12.62
N LYS A 238 -26.99 1.71 12.02
CA LYS A 238 -26.81 3.06 11.53
C LYS A 238 -26.65 2.98 10.03
N GLU A 239 -26.70 4.12 9.36
CA GLU A 239 -26.61 4.10 7.91
C GLU A 239 -25.79 5.27 7.36
N ILE A 240 -25.08 5.02 6.27
CA ILE A 240 -24.28 6.03 5.59
C ILE A 240 -24.70 5.92 4.14
N GLU A 241 -25.04 7.06 3.54
CA GLU A 241 -25.49 7.06 2.16
C GLU A 241 -24.45 7.59 1.18
N GLY A 242 -24.56 7.17 -0.07
CA GLY A 242 -23.64 7.62 -1.11
C GLY A 242 -22.32 6.87 -1.19
N SER A 243 -22.20 5.79 -0.44
CA SER A 243 -20.97 5.00 -0.43
C SER A 243 -20.94 3.88 -1.45
N ASP A 244 -19.75 3.57 -1.96
CA ASP A 244 -19.58 2.45 -2.88
C ASP A 244 -19.16 1.32 -1.94
N HIS A 245 -18.47 0.29 -2.42
CA HIS A 245 -18.08 -0.80 -1.53
C HIS A 245 -17.01 -0.44 -0.50
N VAL A 246 -16.27 0.64 -0.73
CA VAL A 246 -15.22 1.04 0.21
C VAL A 246 -15.53 2.40 0.84
N THR A 247 -16.37 2.39 1.86
CA THR A 247 -16.80 3.60 2.54
C THR A 247 -15.65 4.43 3.09
N MET A 248 -14.57 3.77 3.49
CA MET A 248 -13.42 4.50 4.05
C MET A 248 -12.75 5.33 2.94
N MET A 249 -13.11 5.03 1.70
CA MET A 249 -12.56 5.73 0.54
C MET A 249 -13.53 6.76 -0.03
N SER A 250 -14.79 6.35 -0.20
CA SER A 250 -15.82 7.24 -0.77
C SER A 250 -16.54 8.22 0.17
N LYS A 251 -16.70 7.88 1.44
CA LYS A 251 -17.36 8.76 2.40
C LYS A 251 -16.56 8.75 3.69
N PRO A 252 -15.27 9.12 3.63
CA PRO A 252 -14.39 9.13 4.80
C PRO A 252 -14.81 9.97 5.99
N GLN A 253 -15.19 11.22 5.74
CA GLN A 253 -15.58 12.11 6.83
C GLN A 253 -16.83 11.59 7.57
N GLN A 254 -17.82 11.14 6.80
CA GLN A 254 -19.05 10.62 7.37
C GLN A 254 -18.78 9.33 8.16
N LEU A 255 -17.89 8.48 7.66
CA LEU A 255 -17.54 7.23 8.35
C LEU A 255 -16.83 7.55 9.65
N PHE A 256 -15.86 8.45 9.57
CA PHE A 256 -15.11 8.87 10.74
C PHE A 256 -16.06 9.46 11.79
N THR A 257 -16.93 10.36 11.34
CA THR A 257 -17.88 11.01 12.24
C THR A 257 -18.74 9.95 12.94
N THR A 258 -19.18 8.98 12.17
CA THR A 258 -20.02 7.89 12.66
C THR A 258 -19.31 7.00 13.66
N LEU A 259 -18.03 6.70 13.41
CA LEU A 259 -17.27 5.85 14.31
C LEU A 259 -16.96 6.61 15.59
N LEU A 260 -16.72 7.91 15.46
CA LEU A 260 -16.43 8.71 16.63
C LEU A 260 -17.67 8.77 17.52
N SER A 261 -18.82 8.96 16.90
CA SER A 261 -20.09 9.02 17.62
C SER A 261 -20.29 7.73 18.42
N ILE A 262 -20.18 6.60 17.71
CA ILE A 262 -20.33 5.28 18.33
C ILE A 262 -19.37 5.09 19.51
N ALA A 263 -18.12 5.49 19.34
CA ALA A 263 -17.13 5.33 20.40
C ALA A 263 -17.46 6.17 21.64
N ASN A 264 -18.04 7.35 21.40
CA ASN A 264 -18.39 8.25 22.49
C ASN A 264 -19.59 7.78 23.32
N LYS A 265 -20.69 7.44 22.67
CA LYS A 265 -21.87 6.99 23.40
C LYS A 265 -21.74 5.58 24.00
N TYR A 266 -21.12 4.65 23.27
CA TYR A 266 -20.94 3.29 23.77
C TYR A 266 -19.69 3.21 24.64
N LYS A 267 -19.82 3.59 25.90
CA LYS A 267 -18.68 3.53 26.81
C LYS A 267 -18.19 2.10 26.96
N SER B 8 2.35 22.58 -28.57
CA SER B 8 2.76 21.14 -28.63
C SER B 8 1.55 20.23 -28.47
N PRO B 9 1.20 19.46 -29.51
CA PRO B 9 0.07 18.54 -29.50
C PRO B 9 0.23 17.41 -28.49
N PHE B 10 -0.89 16.90 -27.98
CA PHE B 10 -0.85 15.79 -27.02
C PHE B 10 -0.50 14.54 -27.81
N VAL B 11 0.49 13.82 -27.33
CA VAL B 11 0.90 12.59 -27.96
C VAL B 11 1.15 11.58 -26.85
N LYS B 12 0.29 10.55 -26.82
CA LYS B 12 0.34 9.50 -25.82
C LYS B 12 1.74 8.91 -25.64
N LYS B 13 2.23 8.91 -24.41
CA LYS B 13 3.55 8.36 -24.11
C LYS B 13 3.38 7.34 -23.00
N HIS B 14 4.46 6.64 -22.67
CA HIS B 14 4.41 5.64 -21.61
C HIS B 14 5.38 6.03 -20.51
N PHE B 15 4.84 6.35 -19.33
CA PHE B 15 5.63 6.74 -18.18
C PHE B 15 5.82 5.54 -17.24
N VAL B 16 7.05 5.32 -16.79
CA VAL B 16 7.36 4.21 -15.88
C VAL B 16 7.94 4.85 -14.61
N LEU B 17 7.28 4.61 -13.48
CA LEU B 17 7.68 5.19 -12.20
C LEU B 17 8.38 4.22 -11.25
N VAL B 18 9.56 4.63 -10.78
CA VAL B 18 10.36 3.79 -9.88
C VAL B 18 10.57 4.47 -8.54
N HIS B 19 9.98 3.86 -7.51
CA HIS B 19 10.05 4.38 -6.14
C HIS B 19 11.43 4.27 -5.50
N THR B 20 11.53 4.81 -4.29
CA THR B 20 12.76 4.81 -3.51
C THR B 20 12.72 3.77 -2.38
N ALA B 21 13.75 3.81 -1.54
CA ALA B 21 13.85 2.90 -0.41
C ALA B 21 12.61 2.91 0.48
N PHE B 22 12.21 1.71 0.91
CA PHE B 22 11.06 1.51 1.80
C PHE B 22 9.71 1.61 1.11
N HIS B 23 9.68 2.21 -0.07
CA HIS B 23 8.40 2.39 -0.75
C HIS B 23 8.01 1.37 -1.80
N GLY B 24 6.99 1.71 -2.57
CA GLY B 24 6.51 0.81 -3.60
C GLY B 24 5.77 1.57 -4.67
N ALA B 25 5.25 0.86 -5.66
CA ALA B 25 4.52 1.51 -6.72
C ALA B 25 3.38 2.34 -6.13
N TRP B 26 2.90 1.94 -4.96
CA TRP B 26 1.80 2.62 -4.28
C TRP B 26 1.98 4.11 -4.00
N CYS B 27 3.22 4.54 -3.80
CA CYS B 27 3.48 5.95 -3.48
C CYS B 27 3.18 6.92 -4.63
N TRP B 28 3.11 6.38 -5.85
CA TRP B 28 2.84 7.19 -7.04
C TRP B 28 1.35 7.27 -7.41
N TYR B 29 0.49 6.75 -6.54
CA TYR B 29 -0.94 6.71 -6.86
C TYR B 29 -1.57 7.98 -7.42
N LYS B 30 -1.25 9.13 -6.85
CA LYS B 30 -1.81 10.39 -7.33
C LYS B 30 -1.31 10.71 -8.74
N ILE B 31 -0.04 10.42 -9.02
CA ILE B 31 0.51 10.69 -10.34
C ILE B 31 -0.05 9.72 -11.38
N VAL B 32 -0.16 8.45 -10.98
CA VAL B 32 -0.71 7.42 -11.85
C VAL B 32 -2.12 7.81 -12.29
N ALA B 33 -2.91 8.28 -11.32
CA ALA B 33 -4.28 8.69 -11.61
C ALA B 33 -4.31 9.89 -12.57
N LEU B 34 -3.48 10.89 -12.32
CA LEU B 34 -3.44 12.08 -13.18
C LEU B 34 -3.02 11.73 -14.61
N MET B 35 -2.07 10.81 -14.74
CA MET B 35 -1.61 10.42 -16.05
C MET B 35 -2.65 9.61 -16.81
N ARG B 36 -3.24 8.62 -16.15
CA ARG B 36 -4.26 7.82 -16.80
C ARG B 36 -5.45 8.71 -17.15
N SER B 37 -5.70 9.73 -16.34
CA SER B 37 -6.80 10.64 -16.60
C SER B 37 -6.54 11.48 -17.86
N SER B 38 -5.29 11.91 -18.03
CA SER B 38 -4.92 12.73 -19.18
C SER B 38 -4.80 11.92 -20.48
N GLY B 39 -4.75 10.61 -20.38
CA GLY B 39 -4.66 9.78 -21.57
C GLY B 39 -3.29 9.21 -21.89
N HIS B 40 -2.44 9.14 -20.88
CA HIS B 40 -1.09 8.58 -21.05
C HIS B 40 -1.02 7.21 -20.43
N ASN B 41 -0.02 6.45 -20.83
CA ASN B 41 0.16 5.13 -20.25
C ASN B 41 1.14 5.36 -19.15
N VAL B 42 0.97 4.61 -18.08
CA VAL B 42 1.84 4.71 -16.93
C VAL B 42 1.95 3.35 -16.26
N THR B 43 3.16 3.04 -15.82
CA THR B 43 3.43 1.79 -15.14
C THR B 43 4.27 2.15 -13.92
N ALA B 44 3.81 1.74 -12.74
CA ALA B 44 4.53 1.99 -11.50
C ALA B 44 4.93 0.60 -10.99
N LEU B 45 6.23 0.38 -10.79
CA LEU B 45 6.73 -0.92 -10.37
C LEU B 45 7.14 -1.06 -8.90
N ASP B 46 7.02 -2.28 -8.38
CA ASP B 46 7.46 -2.59 -7.03
C ASP B 46 8.82 -3.27 -7.23
N LEU B 47 9.89 -2.71 -6.66
CA LEU B 47 11.18 -3.35 -6.77
C LEU B 47 11.19 -4.47 -5.73
N GLY B 48 12.26 -5.25 -5.69
CA GLY B 48 12.33 -6.36 -4.75
C GLY B 48 11.98 -6.04 -3.31
N ALA B 49 11.12 -6.84 -2.70
CA ALA B 49 10.70 -6.65 -1.32
C ALA B 49 10.15 -5.26 -1.06
N SER B 50 9.46 -4.71 -2.06
CA SER B 50 8.86 -3.38 -1.95
C SER B 50 7.38 -3.49 -2.26
N GLY B 51 6.57 -2.64 -1.62
CA GLY B 51 5.14 -2.68 -1.85
C GLY B 51 4.62 -4.10 -1.67
N ILE B 52 3.99 -4.67 -2.70
CA ILE B 52 3.50 -6.04 -2.58
C ILE B 52 4.36 -7.06 -3.34
N ASN B 53 5.63 -6.75 -3.57
CA ASN B 53 6.52 -7.71 -4.23
C ASN B 53 6.65 -8.84 -3.18
N PRO B 54 6.55 -10.11 -3.61
CA PRO B 54 6.63 -11.30 -2.75
C PRO B 54 7.87 -11.53 -1.89
N LYS B 55 9.03 -11.04 -2.36
CA LYS B 55 10.28 -11.23 -1.65
C LYS B 55 10.38 -10.44 -0.34
N GLN B 56 11.09 -11.02 0.63
CA GLN B 56 11.29 -10.36 1.92
C GLN B 56 12.73 -9.86 1.89
N ALA B 57 12.96 -8.65 2.39
CA ALA B 57 14.28 -8.03 2.41
C ALA B 57 15.45 -9.02 2.56
N LEU B 58 15.45 -9.78 3.66
CA LEU B 58 16.52 -10.75 3.91
C LEU B 58 16.76 -11.75 2.78
N GLN B 59 15.75 -12.00 1.96
CA GLN B 59 15.89 -12.95 0.86
C GLN B 59 16.61 -12.38 -0.38
N ILE B 60 16.82 -11.08 -0.41
CA ILE B 60 17.48 -10.45 -1.55
C ILE B 60 18.68 -9.58 -1.14
N PRO B 61 19.73 -10.22 -0.59
CA PRO B 61 20.94 -9.53 -0.15
C PRO B 61 21.75 -8.96 -1.33
N ASN B 62 21.43 -9.40 -2.53
CA ASN B 62 22.14 -8.92 -3.71
C ASN B 62 21.32 -7.83 -4.39
N PHE B 63 21.98 -6.73 -4.73
CA PHE B 63 21.30 -5.61 -5.37
C PHE B 63 20.54 -5.97 -6.64
N SER B 64 21.09 -6.89 -7.43
CA SER B 64 20.45 -7.30 -8.68
C SER B 64 19.05 -7.89 -8.47
N ASP B 65 18.81 -8.48 -7.31
CA ASP B 65 17.50 -9.05 -7.01
C ASP B 65 16.55 -7.94 -6.55
N TYR B 66 17.13 -6.82 -6.15
CA TYR B 66 16.33 -5.68 -5.73
C TYR B 66 15.85 -5.03 -7.02
N LEU B 67 16.78 -4.86 -7.96
CA LEU B 67 16.48 -4.23 -9.24
C LEU B 67 15.80 -5.09 -10.29
N SER B 68 15.74 -6.41 -10.11
CA SER B 68 15.15 -7.19 -11.20
C SER B 68 13.69 -6.93 -11.64
N PRO B 69 12.82 -6.43 -10.74
CA PRO B 69 11.48 -6.22 -11.34
C PRO B 69 11.55 -5.20 -12.46
N LEU B 70 12.43 -4.23 -12.31
CA LEU B 70 12.59 -3.22 -13.33
C LEU B 70 13.27 -3.75 -14.59
N MET B 71 14.36 -4.49 -14.41
CA MET B 71 15.10 -5.02 -15.55
C MET B 71 14.26 -5.95 -16.40
N GLU B 72 13.42 -6.76 -15.75
CA GLU B 72 12.57 -7.69 -16.48
C GLU B 72 11.49 -6.96 -17.26
N PHE B 73 10.95 -5.91 -16.66
CA PHE B 73 9.92 -5.11 -17.30
C PHE B 73 10.49 -4.47 -18.57
N MET B 74 11.72 -3.95 -18.47
CA MET B 74 12.37 -3.30 -19.59
C MET B 74 12.62 -4.28 -20.72
N ALA B 75 13.09 -5.47 -20.37
CA ALA B 75 13.37 -6.51 -21.34
C ALA B 75 12.12 -6.99 -22.08
N SER B 76 10.98 -7.00 -21.39
CA SER B 76 9.72 -7.45 -22.00
C SER B 76 9.04 -6.34 -22.78
N LEU B 77 9.60 -5.14 -22.69
CA LEU B 77 9.04 -3.99 -23.38
C LEU B 77 9.09 -4.22 -24.89
N PRO B 78 7.94 -4.14 -25.57
CA PRO B 78 7.94 -4.36 -27.02
C PRO B 78 9.05 -3.56 -27.70
N ALA B 79 9.97 -4.29 -28.32
CA ALA B 79 11.14 -3.74 -29.01
C ALA B 79 11.09 -2.34 -29.62
N ASN B 80 9.94 -1.90 -30.10
CA ASN B 80 9.87 -0.58 -30.72
C ASN B 80 9.37 0.59 -29.87
N GLU B 81 8.91 0.34 -28.66
CA GLU B 81 8.43 1.44 -27.84
C GLU B 81 9.49 1.98 -26.89
N LYS B 82 9.44 3.29 -26.68
CA LYS B 82 10.37 3.95 -25.77
C LYS B 82 9.52 4.42 -24.59
N ILE B 83 10.16 4.75 -23.48
CA ILE B 83 9.44 5.20 -22.30
C ILE B 83 10.13 6.40 -21.65
N ILE B 84 9.42 7.04 -20.72
CA ILE B 84 9.98 8.14 -19.96
C ILE B 84 10.20 7.47 -18.61
N LEU B 85 11.46 7.24 -18.25
CA LEU B 85 11.76 6.54 -17.00
C LEU B 85 12.03 7.52 -15.86
N VAL B 86 11.23 7.44 -14.80
CA VAL B 86 11.35 8.34 -13.65
C VAL B 86 11.76 7.59 -12.38
N GLY B 87 12.89 8.00 -11.79
CA GLY B 87 13.37 7.35 -10.60
C GLY B 87 13.44 8.32 -9.45
N HIS B 88 12.90 7.92 -8.31
CA HIS B 88 12.90 8.77 -7.12
C HIS B 88 13.98 8.36 -6.12
N ALA B 89 14.83 9.31 -5.73
CA ALA B 89 15.88 9.09 -4.75
C ALA B 89 16.72 7.82 -5.01
N LEU B 90 16.58 6.80 -4.17
CA LEU B 90 17.32 5.56 -4.34
C LEU B 90 16.97 4.97 -5.71
N GLY B 91 15.73 5.20 -6.13
CA GLY B 91 15.28 4.69 -7.42
C GLY B 91 16.19 5.17 -8.54
N GLY B 92 17.02 6.18 -8.22
CA GLY B 92 17.93 6.72 -9.22
C GLY B 92 18.94 5.69 -9.70
N LEU B 93 19.37 4.81 -8.80
CA LEU B 93 20.33 3.79 -9.16
C LEU B 93 19.67 2.77 -10.09
N ALA B 94 18.47 2.35 -9.72
CA ALA B 94 17.74 1.38 -10.53
C ALA B 94 17.58 1.87 -11.97
N ILE B 95 17.11 3.10 -12.16
CA ILE B 95 16.96 3.60 -13.53
C ILE B 95 18.31 3.78 -14.23
N SER B 96 19.35 4.16 -13.48
CA SER B 96 20.68 4.34 -14.08
C SER B 96 21.08 3.01 -14.74
N LYS B 97 20.81 1.92 -14.04
CA LYS B 97 21.12 0.58 -14.54
C LYS B 97 20.32 0.26 -15.80
N ALA B 98 19.05 0.61 -15.78
CA ALA B 98 18.17 0.35 -16.92
C ALA B 98 18.61 1.18 -18.14
N MET B 99 19.13 2.38 -17.88
CA MET B 99 19.60 3.25 -18.96
C MET B 99 20.84 2.66 -19.60
N GLU B 100 21.66 1.97 -18.81
CA GLU B 100 22.88 1.36 -19.31
C GLU B 100 22.59 0.10 -20.10
N THR B 101 21.62 -0.67 -19.61
CA THR B 101 21.26 -1.92 -20.27
C THR B 101 20.29 -1.72 -21.43
N PHE B 102 19.35 -0.79 -21.27
CA PHE B 102 18.35 -0.53 -22.30
C PHE B 102 18.25 0.95 -22.68
N PRO B 103 19.39 1.58 -23.02
CA PRO B 103 19.39 3.00 -23.40
C PRO B 103 18.43 3.31 -24.54
N GLU B 104 18.46 2.46 -25.55
CA GLU B 104 17.62 2.61 -26.72
C GLU B 104 16.12 2.72 -26.39
N LYS B 105 15.69 2.03 -25.34
CA LYS B 105 14.28 2.04 -24.95
C LYS B 105 13.82 3.18 -24.05
N ILE B 106 14.74 4.08 -23.70
CA ILE B 106 14.36 5.19 -22.81
C ILE B 106 14.40 6.54 -23.52
N SER B 107 13.22 7.07 -23.82
CA SER B 107 13.09 8.37 -24.48
C SER B 107 13.85 9.44 -23.69
N VAL B 108 13.65 9.44 -22.38
CA VAL B 108 14.31 10.40 -21.51
C VAL B 108 14.21 9.87 -20.08
N ALA B 109 15.27 10.05 -19.30
CA ALA B 109 15.29 9.60 -17.91
C ALA B 109 15.19 10.79 -16.97
N VAL B 110 14.37 10.65 -15.94
CA VAL B 110 14.17 11.71 -14.96
C VAL B 110 14.56 11.28 -13.56
N PHE B 111 15.45 12.05 -12.92
CA PHE B 111 15.87 11.75 -11.57
C PHE B 111 15.23 12.75 -10.62
N LEU B 112 14.25 12.27 -9.86
CA LEU B 112 13.52 13.09 -8.91
C LEU B 112 14.22 12.98 -7.56
N SER B 113 15.05 13.96 -7.23
CA SER B 113 15.83 13.96 -5.99
C SER B 113 16.53 12.60 -5.98
N GLY B 114 16.85 12.10 -7.17
CA GLY B 114 17.45 10.78 -7.27
C GLY B 114 18.95 10.67 -7.28
N LEU B 115 19.47 9.64 -6.62
CA LEU B 115 20.90 9.41 -6.61
C LEU B 115 21.23 9.28 -8.10
N MET B 116 22.13 10.12 -8.57
CA MET B 116 22.48 10.12 -9.97
C MET B 116 23.99 10.05 -10.23
N PRO B 117 24.59 8.89 -9.93
CA PRO B 117 26.04 8.75 -10.15
C PRO B 117 26.29 8.72 -11.66
N GLY B 118 27.40 9.30 -12.10
CA GLY B 118 27.71 9.32 -13.52
C GLY B 118 28.75 8.28 -13.89
N PRO B 119 29.15 8.19 -15.18
CA PRO B 119 30.17 7.24 -15.62
C PRO B 119 31.43 7.45 -14.80
N ASN B 120 31.49 8.62 -14.17
CA ASN B 120 32.61 9.01 -13.33
C ASN B 120 32.39 8.73 -11.86
N ILE B 121 31.61 9.57 -11.19
CA ILE B 121 31.30 9.40 -9.76
C ILE B 121 30.52 8.10 -9.53
N ASP B 122 31.12 7.18 -8.78
CA ASP B 122 30.50 5.88 -8.51
C ASP B 122 29.39 5.93 -7.48
N ALA B 123 28.47 4.98 -7.60
CA ALA B 123 27.37 4.89 -6.66
C ALA B 123 27.98 4.76 -5.28
N THR B 124 29.11 4.07 -5.20
CA THR B 124 29.82 3.88 -3.94
C THR B 124 29.86 5.19 -3.16
N THR B 125 30.28 6.25 -3.84
CA THR B 125 30.37 7.56 -3.21
C THR B 125 28.99 8.11 -2.86
N VAL B 126 28.08 8.08 -3.82
CA VAL B 126 26.73 8.57 -3.58
C VAL B 126 25.99 7.72 -2.56
N CYS B 127 26.09 6.40 -2.71
CA CYS B 127 25.44 5.46 -1.79
C CYS B 127 25.85 5.73 -0.36
N THR B 128 27.13 6.06 -0.17
CA THR B 128 27.64 6.35 1.15
C THR B 128 27.04 7.64 1.69
N LYS B 129 26.86 8.63 0.83
CA LYS B 129 26.27 9.88 1.25
C LYS B 129 24.79 9.66 1.55
N ALA B 130 24.10 8.98 0.63
CA ALA B 130 22.68 8.69 0.80
C ALA B 130 22.47 7.99 2.13
N GLY B 131 23.31 6.99 2.40
CA GLY B 131 23.20 6.27 3.65
C GLY B 131 23.30 7.17 4.87
N SER B 132 24.26 8.08 4.86
CA SER B 132 24.46 9.01 5.97
C SER B 132 23.22 9.84 6.28
N ALA B 133 22.36 10.03 5.29
CA ALA B 133 21.14 10.81 5.47
C ALA B 133 19.96 10.02 6.04
N VAL B 134 20.08 8.70 6.08
CA VAL B 134 19.00 7.87 6.59
C VAL B 134 19.43 7.09 7.83
N LEU B 135 20.53 6.36 7.72
CA LEU B 135 21.04 5.58 8.83
C LEU B 135 21.24 6.43 10.08
N GLY B 136 20.68 5.98 11.19
CA GLY B 136 20.83 6.70 12.45
C GLY B 136 20.01 7.96 12.59
N GLN B 137 19.08 8.20 11.66
CA GLN B 137 18.23 9.39 11.74
C GLN B 137 16.98 9.15 12.58
N LEU B 138 16.79 9.99 13.59
CA LEU B 138 15.64 9.91 14.47
C LEU B 138 15.32 8.50 14.93
N ASP B 139 14.14 7.99 14.59
CA ASP B 139 13.76 6.65 15.02
C ASP B 139 14.08 5.52 14.04
N ASN B 140 14.95 5.76 13.07
CA ASN B 140 15.31 4.69 12.16
C ASN B 140 16.24 3.75 12.92
N CYS B 141 16.15 2.46 12.61
CA CYS B 141 17.01 1.50 13.26
C CYS B 141 17.46 0.42 12.28
N VAL B 142 18.44 -0.37 12.69
CA VAL B 142 18.96 -1.41 11.84
C VAL B 142 18.82 -2.77 12.51
N THR B 143 19.14 -3.82 11.78
CA THR B 143 19.05 -5.18 12.30
C THR B 143 20.38 -5.90 12.08
N TYR B 144 20.55 -7.02 12.77
CA TYR B 144 21.77 -7.82 12.63
C TYR B 144 21.44 -9.32 12.52
N GLU B 145 20.78 -9.71 11.43
CA GLU B 145 20.42 -11.11 11.22
C GLU B 145 21.64 -11.98 10.96
N ASN B 146 22.81 -11.36 10.92
CA ASN B 146 24.04 -12.11 10.69
C ASN B 146 25.07 -11.88 11.79
N GLY B 147 24.60 -11.43 12.94
CA GLY B 147 25.50 -11.20 14.06
C GLY B 147 26.21 -9.86 14.05
N PRO B 148 26.78 -9.44 15.19
CA PRO B 148 27.50 -8.19 15.38
C PRO B 148 28.84 -8.15 14.65
N THR B 149 29.34 -9.32 14.29
CA THR B 149 30.62 -9.40 13.59
C THR B 149 30.46 -8.91 12.17
N ASN B 150 29.23 -9.00 11.65
CA ASN B 150 28.93 -8.58 10.29
C ASN B 150 28.08 -7.32 10.29
N PRO B 151 28.07 -6.59 9.16
CA PRO B 151 27.31 -5.35 8.99
C PRO B 151 25.82 -5.53 9.25
N PRO B 152 25.12 -4.44 9.62
CA PRO B 152 23.68 -4.56 9.87
C PRO B 152 23.04 -5.10 8.60
N THR B 153 22.03 -5.96 8.74
CA THR B 153 21.39 -6.55 7.58
C THR B 153 20.29 -5.73 6.91
N THR B 154 19.44 -5.08 7.70
CA THR B 154 18.38 -4.28 7.12
C THR B 154 18.22 -2.94 7.81
N LEU B 155 17.45 -2.07 7.18
CA LEU B 155 17.20 -0.72 7.69
C LEU B 155 15.69 -0.49 7.71
N ILE B 156 15.18 -0.10 8.87
CA ILE B 156 13.75 0.14 9.03
C ILE B 156 13.44 1.60 9.32
N ALA B 157 12.65 2.22 8.44
CA ALA B 157 12.27 3.63 8.60
C ALA B 157 11.28 3.83 9.76
N GLY B 158 11.59 4.77 10.64
CA GLY B 158 10.71 5.05 11.76
C GLY B 158 9.59 6.02 11.42
N PRO B 159 8.44 5.94 12.11
CA PRO B 159 7.28 6.81 11.88
C PRO B 159 7.68 8.28 11.95
N LYS B 160 8.53 8.60 12.93
CA LYS B 160 8.98 9.95 13.15
C LYS B 160 9.94 10.43 12.07
N PHE B 161 10.83 9.55 11.62
CA PHE B 161 11.76 9.92 10.56
C PHE B 161 10.92 10.24 9.32
N LEU B 162 9.89 9.44 9.07
CA LEU B 162 9.02 9.67 7.92
C LEU B 162 8.30 11.00 8.05
N ALA B 163 7.62 11.19 9.17
CA ALA B 163 6.87 12.41 9.43
C ALA B 163 7.72 13.67 9.37
N THR B 164 8.95 13.59 9.86
CA THR B 164 9.84 14.75 9.90
C THR B 164 10.74 15.03 8.71
N ASN B 165 11.47 14.01 8.24
CA ASN B 165 12.41 14.18 7.13
C ASN B 165 11.87 13.86 5.75
N VAL B 166 10.73 13.20 5.68
CA VAL B 166 10.21 12.82 4.37
C VAL B 166 8.86 13.42 3.97
N TYR B 167 7.84 13.20 4.80
CA TYR B 167 6.49 13.68 4.54
C TYR B 167 6.11 14.97 5.29
N HIS B 168 7.08 15.81 5.62
CA HIS B 168 6.75 17.01 6.38
C HIS B 168 5.87 18.06 5.69
N LEU B 169 5.79 18.01 4.36
CA LEU B 169 4.97 18.95 3.62
C LEU B 169 3.82 18.25 2.89
N SER B 170 3.54 17.01 3.25
CA SER B 170 2.48 16.26 2.59
C SER B 170 1.24 16.16 3.47
N PRO B 171 0.08 15.86 2.86
CA PRO B 171 -1.19 15.73 3.57
C PRO B 171 -1.02 14.67 4.68
N ILE B 172 -1.61 14.90 5.84
CA ILE B 172 -1.46 13.93 6.93
C ILE B 172 -1.88 12.52 6.54
N GLU B 173 -2.88 12.40 5.67
CA GLU B 173 -3.34 11.07 5.26
C GLU B 173 -2.26 10.31 4.50
N ASP B 174 -1.37 11.03 3.83
CA ASP B 174 -0.29 10.38 3.09
C ASP B 174 0.77 9.79 4.02
N LEU B 175 0.98 10.44 5.17
CA LEU B 175 1.93 9.93 6.15
C LEU B 175 1.32 8.67 6.77
N ALA B 176 0.01 8.68 6.96
CA ALA B 176 -0.69 7.53 7.53
C ALA B 176 -0.61 6.35 6.57
N LEU B 177 -0.78 6.61 5.27
CA LEU B 177 -0.71 5.57 4.25
C LEU B 177 0.69 4.93 4.27
N ALA B 178 1.71 5.79 4.34
CA ALA B 178 3.10 5.36 4.35
C ALA B 178 3.48 4.53 5.58
N THR B 179 2.98 4.91 6.75
CA THR B 179 3.31 4.16 7.95
C THR B 179 2.66 2.77 7.92
N ALA B 180 1.71 2.58 7.00
CA ALA B 180 1.05 1.29 6.88
C ALA B 180 1.65 0.46 5.75
N LEU B 181 2.47 1.09 4.91
CA LEU B 181 3.05 0.40 3.77
C LEU B 181 4.59 0.31 3.67
N VAL B 182 5.32 1.20 4.32
CA VAL B 182 6.79 1.15 4.22
C VAL B 182 7.36 -0.17 4.70
N ARG B 183 8.35 -0.67 3.97
CA ARG B 183 8.97 -1.94 4.31
C ARG B 183 10.48 -1.81 4.53
N PRO B 184 11.07 -2.75 5.28
CA PRO B 184 12.50 -2.72 5.56
C PRO B 184 13.30 -2.71 4.27
N LEU B 185 14.49 -2.11 4.31
CA LEU B 185 15.37 -2.09 3.15
C LEU B 185 16.64 -2.83 3.51
N TYR B 186 17.01 -3.82 2.71
CA TYR B 186 18.23 -4.56 2.98
C TYR B 186 19.39 -3.61 2.81
N LEU B 187 20.40 -3.71 3.68
CA LEU B 187 21.55 -2.83 3.58
C LEU B 187 22.62 -3.38 2.64
N TYR B 188 22.40 -3.16 1.35
CA TYR B 188 23.32 -3.61 0.31
C TYR B 188 24.69 -2.97 0.48
N LEU B 189 25.73 -3.73 0.17
CA LEU B 189 27.10 -3.22 0.29
C LEU B 189 27.44 -2.37 -0.91
N ALA B 190 28.19 -1.30 -0.69
CA ALA B 190 28.59 -0.41 -1.78
C ALA B 190 29.39 -1.18 -2.82
N GLU B 191 30.14 -2.18 -2.37
CA GLU B 191 30.94 -2.99 -3.28
C GLU B 191 30.02 -3.71 -4.26
N ASP B 192 28.91 -4.25 -3.73
CA ASP B 192 27.92 -4.94 -4.54
C ASP B 192 27.27 -3.99 -5.53
N ILE B 193 26.75 -2.87 -5.02
CA ILE B 193 26.08 -1.87 -5.85
C ILE B 193 27.02 -1.31 -6.92
N SER B 194 28.26 -1.09 -6.54
CA SER B 194 29.26 -0.54 -7.45
C SER B 194 29.57 -1.48 -8.62
N LYS B 195 29.48 -2.79 -8.37
CA LYS B 195 29.74 -3.76 -9.43
C LYS B 195 28.49 -4.03 -10.24
N GLU B 196 27.34 -3.73 -9.65
CA GLU B 196 26.07 -3.95 -10.31
C GLU B 196 25.68 -2.77 -11.19
N VAL B 197 26.03 -1.57 -10.74
CA VAL B 197 25.70 -0.36 -11.49
C VAL B 197 26.95 0.22 -12.17
N VAL B 198 27.34 -0.42 -13.28
CA VAL B 198 28.49 0.04 -14.05
C VAL B 198 27.95 0.89 -15.19
N LEU B 199 28.27 2.18 -15.17
CA LEU B 199 27.77 3.09 -16.20
C LEU B 199 28.88 3.62 -17.10
N SER B 200 28.52 3.89 -18.35
CA SER B 200 29.47 4.41 -19.33
C SER B 200 28.84 5.55 -20.12
N SER B 201 29.69 6.46 -20.60
CA SER B 201 29.22 7.60 -21.37
C SER B 201 28.70 7.13 -22.73
N LYS B 202 29.02 5.91 -23.09
CA LYS B 202 28.59 5.34 -24.37
C LYS B 202 27.12 4.92 -24.37
N ARG B 203 26.70 4.23 -23.32
CA ARG B 203 25.31 3.76 -23.20
C ARG B 203 24.52 4.68 -22.28
N TYR B 204 24.77 4.57 -20.98
CA TYR B 204 24.09 5.41 -19.98
C TYR B 204 24.20 6.88 -20.37
N GLY B 205 25.36 7.25 -20.92
CA GLY B 205 25.57 8.63 -21.31
C GLY B 205 24.74 9.10 -22.48
N SER B 206 24.30 8.18 -23.32
CA SER B 206 23.51 8.52 -24.50
C SER B 206 22.06 8.89 -24.22
N VAL B 207 21.55 8.56 -23.04
CA VAL B 207 20.15 8.86 -22.72
C VAL B 207 19.95 10.29 -22.20
N LYS B 208 18.88 10.93 -22.66
CA LYS B 208 18.56 12.28 -22.22
C LYS B 208 18.21 12.21 -20.74
N ARG B 209 18.69 13.20 -19.98
CA ARG B 209 18.47 13.24 -18.55
C ARG B 209 17.99 14.57 -18.01
N VAL B 210 17.05 14.51 -17.08
CA VAL B 210 16.54 15.70 -16.44
C VAL B 210 16.53 15.42 -14.95
N PHE B 211 16.91 16.41 -14.16
CA PHE B 211 16.90 16.25 -12.74
C PHE B 211 15.81 17.17 -12.21
N ILE B 212 15.03 16.69 -11.27
CA ILE B 212 13.99 17.51 -10.66
C ILE B 212 14.37 17.68 -9.20
N VAL B 213 14.54 18.93 -8.78
CA VAL B 213 14.91 19.20 -7.39
C VAL B 213 13.69 19.56 -6.56
N ALA B 214 13.67 19.09 -5.32
CA ALA B 214 12.62 19.38 -4.37
C ALA B 214 13.25 20.41 -3.43
N THR B 215 12.85 21.67 -3.55
CA THR B 215 13.44 22.76 -2.76
C THR B 215 13.35 22.63 -1.23
N GLU B 216 12.38 21.88 -0.72
CA GLU B 216 12.26 21.69 0.72
C GLU B 216 12.57 20.25 1.12
N ASN B 217 13.38 19.58 0.31
CA ASN B 217 13.76 18.19 0.58
C ASN B 217 14.58 18.09 1.87
N ASP B 218 13.97 17.61 2.95
CA ASP B 218 14.70 17.47 4.19
C ASP B 218 15.27 16.07 4.37
N ALA B 219 15.19 15.26 3.33
CA ALA B 219 15.71 13.89 3.37
C ALA B 219 17.10 13.93 2.74
N LEU B 220 17.15 14.28 1.46
CA LEU B 220 18.40 14.39 0.75
C LEU B 220 18.62 15.88 0.58
N LYS B 221 19.52 16.45 1.37
CA LYS B 221 19.79 17.88 1.34
C LYS B 221 20.24 18.49 0.02
N LYS B 222 19.80 19.72 -0.21
CA LYS B 222 20.12 20.47 -1.42
C LYS B 222 21.62 20.49 -1.70
N GLU B 223 22.42 20.55 -0.64
CA GLU B 223 23.88 20.56 -0.78
C GLU B 223 24.32 19.30 -1.52
N PHE B 224 23.88 18.15 -1.01
CA PHE B 224 24.21 16.84 -1.60
C PHE B 224 23.64 16.72 -3.00
N LEU B 225 22.38 17.08 -3.18
CA LEU B 225 21.73 17.00 -4.48
C LEU B 225 22.50 17.86 -5.48
N LYS B 226 22.83 19.08 -5.06
CA LYS B 226 23.57 20.03 -5.89
C LYS B 226 24.86 19.46 -6.45
N LEU B 227 25.68 18.87 -5.58
CA LEU B 227 26.95 18.30 -5.99
C LEU B 227 26.79 17.25 -7.09
N MET B 228 25.90 16.28 -6.88
CA MET B 228 25.67 15.23 -7.88
C MET B 228 25.46 15.84 -9.27
N ILE B 229 24.66 16.90 -9.34
CA ILE B 229 24.39 17.56 -10.61
C ILE B 229 25.69 18.17 -11.14
N GLU B 230 26.52 18.60 -10.21
CA GLU B 230 27.82 19.20 -10.53
C GLU B 230 28.71 18.14 -11.18
N LYS B 231 28.85 17.02 -10.48
CA LYS B 231 29.70 15.89 -10.90
C LYS B 231 29.21 15.09 -12.11
N ASN B 232 27.91 15.16 -12.40
CA ASN B 232 27.34 14.42 -13.53
C ASN B 232 26.22 15.26 -14.14
N PRO B 233 26.60 16.36 -14.82
CA PRO B 233 25.67 17.28 -15.47
C PRO B 233 24.56 16.62 -16.27
N PRO B 234 23.30 17.01 -15.99
CA PRO B 234 22.14 16.46 -16.69
C PRO B 234 21.80 17.42 -17.84
N ASP B 235 20.96 16.98 -18.77
CA ASP B 235 20.59 17.83 -19.90
C ASP B 235 19.79 19.04 -19.41
N GLU B 236 19.24 18.94 -18.21
CA GLU B 236 18.46 20.04 -17.67
C GLU B 236 18.16 19.80 -16.20
N VAL B 237 17.79 20.87 -15.51
CA VAL B 237 17.43 20.81 -14.10
C VAL B 237 16.20 21.67 -13.91
N LYS B 238 15.20 21.12 -13.25
CA LYS B 238 13.97 21.84 -12.99
C LYS B 238 13.73 21.75 -11.49
N GLU B 239 12.93 22.66 -10.97
CA GLU B 239 12.64 22.66 -9.55
C GLU B 239 11.16 22.68 -9.27
N ILE B 240 10.80 22.18 -8.10
CA ILE B 240 9.42 22.18 -7.65
C ILE B 240 9.52 22.70 -6.23
N GLU B 241 9.08 23.95 -6.06
CA GLU B 241 9.11 24.61 -4.77
C GLU B 241 8.09 24.01 -3.81
N GLY B 242 8.38 24.10 -2.51
CA GLY B 242 7.47 23.60 -1.50
C GLY B 242 7.36 22.09 -1.42
N SER B 243 8.15 21.40 -2.22
CA SER B 243 8.13 19.95 -2.21
C SER B 243 9.05 19.34 -1.16
N ASP B 244 8.51 18.41 -0.39
CA ASP B 244 9.33 17.71 0.59
C ASP B 244 9.97 16.56 -0.21
N HIS B 245 10.49 15.56 0.48
CA HIS B 245 11.13 14.46 -0.22
C HIS B 245 10.17 13.70 -1.13
N VAL B 246 8.97 13.40 -0.65
CA VAL B 246 8.00 12.69 -1.48
C VAL B 246 7.17 13.64 -2.34
N THR B 247 7.81 14.16 -3.37
CA THR B 247 7.18 15.11 -4.30
C THR B 247 5.87 14.63 -4.90
N MET B 248 5.76 13.31 -5.13
CA MET B 248 4.54 12.75 -5.70
C MET B 248 3.45 12.76 -4.64
N MET B 249 3.82 13.14 -3.43
CA MET B 249 2.89 13.18 -2.31
C MET B 249 2.51 14.62 -1.98
N SER B 250 3.51 15.45 -1.76
CA SER B 250 3.30 16.85 -1.40
C SER B 250 2.91 17.79 -2.54
N LYS B 251 3.37 17.50 -3.75
CA LYS B 251 3.09 18.36 -4.91
C LYS B 251 2.73 17.53 -6.15
N PRO B 252 1.71 16.67 -6.05
CA PRO B 252 1.30 15.83 -7.18
C PRO B 252 1.04 16.53 -8.51
N GLN B 253 0.21 17.57 -8.50
CA GLN B 253 -0.12 18.28 -9.74
C GLN B 253 1.07 18.93 -10.45
N GLN B 254 1.94 19.56 -9.67
CA GLN B 254 3.12 20.22 -10.23
C GLN B 254 4.13 19.21 -10.81
N LEU B 255 4.26 18.07 -10.12
CA LEU B 255 5.17 17.01 -10.57
C LEU B 255 4.64 16.42 -11.88
N PHE B 256 3.33 16.22 -11.93
CA PHE B 256 2.68 15.68 -13.13
C PHE B 256 2.85 16.61 -14.34
N THR B 257 2.59 17.90 -14.15
CA THR B 257 2.72 18.84 -15.26
C THR B 257 4.16 18.95 -15.70
N THR B 258 5.09 18.95 -14.74
CA THR B 258 6.53 19.04 -15.05
C THR B 258 6.93 17.81 -15.87
N LEU B 259 6.38 16.65 -15.53
CA LEU B 259 6.71 15.42 -16.23
C LEU B 259 6.23 15.43 -17.68
N LEU B 260 5.02 15.94 -17.91
CA LEU B 260 4.51 15.98 -19.27
C LEU B 260 5.36 16.98 -20.07
N SER B 261 5.78 18.04 -19.41
CA SER B 261 6.59 19.08 -20.03
C SER B 261 7.94 18.51 -20.48
N ILE B 262 8.57 17.73 -19.60
CA ILE B 262 9.84 17.11 -19.92
C ILE B 262 9.64 16.17 -21.09
N ALA B 263 8.55 15.41 -21.04
CA ALA B 263 8.21 14.46 -22.08
C ALA B 263 8.14 15.12 -23.45
N ASN B 264 7.44 16.25 -23.54
CA ASN B 264 7.30 16.95 -24.81
C ASN B 264 8.61 17.51 -25.33
N LYS B 265 9.47 17.94 -24.41
CA LYS B 265 10.77 18.51 -24.77
C LYS B 265 11.78 17.49 -25.30
N TYR B 266 11.88 16.35 -24.64
CA TYR B 266 12.82 15.32 -25.07
C TYR B 266 12.11 14.13 -25.71
N LYS B 267 11.22 14.43 -26.63
CA LYS B 267 10.47 13.39 -27.33
C LYS B 267 11.41 12.64 -28.28
#